data_7VUM
#
_entry.id   7VUM
#
_cell.length_a   60.277
_cell.length_b   60.277
_cell.length_c   131.385
_cell.angle_alpha   90.000
_cell.angle_beta   90.000
_cell.angle_gamma   120.000
#
_symmetry.space_group_name_H-M   'P 31'
#
loop_
_entity.id
_entity.type
_entity.pdbx_description
1 polymer 'Single-stranded DNA-binding protein'
2 non-polymer "3,5,7,3',4'-PENTAHYDROXYFLAVONE"
3 water water
#
_entity_poly.entity_id   1
_entity_poly.type   'polypeptide(L)'
_entity_poly.pdbx_seq_one_letter_code
;MARGVNKVILVGNVGGDPETRYMPNGNAVTNITLATSESWKDKQTGQQQERTEWHRVVFFGRLAEIAGEYLRKGSQVYVE
GSLRTRKWQGQDGQDRYTTEIVVDINGNMQLLGGRHHHHHH
;
_entity_poly.pdbx_strand_id   A,B,C,D
#
loop_
_chem_comp.id
_chem_comp.type
_chem_comp.name
_chem_comp.formula
QUE non-polymer 3,5,7,3',4'-PENTAHYDROXYFLAVONE 'C15 H10 O7'
#
# COMPACT_ATOMS: atom_id res chain seq x y z
N ARG A 3 -16.37 8.66 2.74
CA ARG A 3 -16.04 7.28 2.39
C ARG A 3 -14.81 7.23 1.51
N GLY A 4 -13.73 6.66 2.02
CA GLY A 4 -12.52 6.53 1.24
C GLY A 4 -11.49 5.58 1.83
N VAL A 5 -10.23 5.88 1.57
CA VAL A 5 -9.13 5.00 1.87
C VAL A 5 -8.08 5.80 2.64
N ASN A 6 -7.61 5.25 3.75
CA ASN A 6 -6.69 5.93 4.65
C ASN A 6 -5.66 4.90 5.11
N LYS A 7 -4.51 4.86 4.44
CA LYS A 7 -3.60 3.76 4.67
C LYS A 7 -2.15 4.24 4.74
N VAL A 8 -1.43 3.68 5.71
CA VAL A 8 -0.04 4.00 5.99
C VAL A 8 0.72 2.70 6.11
N ILE A 9 1.85 2.61 5.46
CA ILE A 9 2.72 1.44 5.56
C ILE A 9 4.08 1.97 5.92
N LEU A 10 4.64 1.46 7.02
CA LEU A 10 5.93 1.88 7.48
C LEU A 10 6.77 0.66 7.76
N VAL A 11 8.02 0.71 7.35
CA VAL A 11 9.05 -0.18 7.87
C VAL A 11 10.12 0.70 8.48
N GLY A 12 10.54 0.37 9.70
CA GLY A 12 11.50 1.19 10.38
C GLY A 12 11.84 0.61 11.72
N ASN A 13 12.51 1.40 12.54
CA ASN A 13 13.10 0.93 13.79
C ASN A 13 12.44 1.60 14.99
N VAL A 14 12.07 0.78 15.97
CA VAL A 14 11.41 1.29 17.18
C VAL A 14 12.39 2.12 17.98
N GLY A 15 11.97 3.33 18.35
CA GLY A 15 12.86 4.30 18.99
C GLY A 15 13.05 4.15 20.48
N GLY A 16 12.19 3.40 21.16
CA GLY A 16 12.27 3.21 22.59
C GLY A 16 11.40 2.02 22.95
N ASP A 17 11.60 1.52 24.17
CA ASP A 17 10.79 0.39 24.61
C ASP A 17 9.32 0.76 24.52
N PRO A 18 8.45 -0.15 24.15
CA PRO A 18 7.06 0.27 24.09
C PRO A 18 6.42 0.57 25.42
N GLU A 19 5.21 1.03 25.39
CA GLU A 19 4.47 1.42 26.55
C GLU A 19 3.11 0.90 26.40
N THR A 20 2.70 0.02 27.30
CA THR A 20 1.40 -0.61 27.23
C THR A 20 0.49 -0.27 28.37
N ARG A 21 -0.69 0.19 28.07
CA ARG A 21 -1.67 0.51 29.06
C ARG A 21 -2.88 -0.32 28.90
N TYR A 22 -3.41 -0.77 30.00
CA TYR A 22 -4.60 -1.59 30.03
C TYR A 22 -5.77 -0.73 30.45
N MET A 23 -6.77 -0.61 29.58
CA MET A 23 -7.97 0.13 29.91
C MET A 23 -8.71 -0.55 31.05
N PRO A 24 -9.59 0.18 31.76
CA PRO A 24 -10.42 -0.50 32.78
C PRO A 24 -11.15 -1.71 32.22
N ASN A 25 -11.49 -1.72 30.93
CA ASN A 25 -12.18 -2.85 30.30
C ASN A 25 -11.29 -4.08 30.11
N GLY A 26 -9.97 -3.90 30.04
CA GLY A 26 -9.05 -4.98 29.72
C GLY A 26 -8.35 -4.82 28.37
N ASN A 27 -8.85 -3.96 27.49
CA ASN A 27 -8.21 -3.75 26.20
C ASN A 27 -6.89 -2.99 26.36
N ALA A 28 -5.88 -3.44 25.63
CA ALA A 28 -4.56 -2.86 25.72
C ALA A 28 -4.40 -1.75 24.69
N VAL A 29 -3.61 -0.73 25.04
CA VAL A 29 -3.18 0.32 24.12
C VAL A 29 -1.68 0.44 24.23
N THR A 30 -0.97 0.31 23.10
CA THR A 30 0.49 0.30 23.09
C THR A 30 1.00 1.40 22.18
N ASN A 31 1.73 2.36 22.76
CA ASN A 31 2.34 3.47 22.02
C ASN A 31 3.81 3.19 21.75
N ILE A 32 4.30 3.61 20.58
CA ILE A 32 5.72 3.54 20.23
C ILE A 32 6.08 4.75 19.38
N THR A 33 7.38 5.05 19.30
CA THR A 33 7.90 5.87 18.22
C THR A 33 8.60 4.97 17.19
N LEU A 34 8.51 5.38 15.93
CA LEU A 34 9.00 4.53 14.83
C LEU A 34 9.77 5.42 13.87
N ALA A 35 11.05 5.11 13.67
CA ALA A 35 11.92 5.91 12.82
C ALA A 35 11.97 5.30 11.42
N THR A 36 11.88 6.15 10.40
CA THR A 36 12.16 5.75 9.02
C THR A 36 13.14 6.73 8.41
N SER A 37 14.08 6.21 7.61
CA SER A 37 15.19 7.00 7.11
C SER A 37 15.26 6.98 5.58
N GLU A 38 15.50 8.15 5.00
CA GLU A 38 15.88 8.34 3.61
C GLU A 38 17.20 9.08 3.58
N SER A 39 17.95 8.94 2.48
CA SER A 39 19.33 9.41 2.42
C SER A 39 19.55 10.48 1.36
N GLU A 50 21.18 11.90 5.19
CA GLU A 50 20.19 11.07 5.88
C GLU A 50 19.17 11.91 6.64
N ARG A 51 17.92 11.90 6.18
CA ARG A 51 16.79 12.44 6.93
C ARG A 51 16.08 11.29 7.60
N THR A 52 15.86 11.41 8.92
CA THR A 52 15.09 10.45 9.68
C THR A 52 13.74 11.07 10.03
N GLU A 53 12.67 10.37 9.68
CA GLU A 53 11.32 10.78 10.04
C GLU A 53 10.85 9.97 11.24
N TRP A 54 10.41 10.65 12.29
CA TRP A 54 9.91 9.98 13.49
C TRP A 54 8.38 9.94 13.45
N HIS A 55 7.82 8.76 13.68
CA HIS A 55 6.39 8.54 13.59
C HIS A 55 5.85 8.09 14.94
N ARG A 56 4.67 8.59 15.32
CA ARG A 56 3.95 8.12 16.51
C ARG A 56 2.97 7.02 16.10
N VAL A 57 3.22 5.81 16.58
CA VAL A 57 2.41 4.64 16.23
C VAL A 57 1.72 4.13 17.50
N VAL A 58 0.40 3.93 17.42
CA VAL A 58 -0.41 3.47 18.55
C VAL A 58 -1.14 2.21 18.12
N PHE A 59 -1.02 1.14 18.92
CA PHE A 59 -1.64 -0.15 18.64
C PHE A 59 -2.83 -0.37 19.56
N PHE A 60 -3.90 -0.95 19.01
CA PHE A 60 -5.11 -1.26 19.76
C PHE A 60 -5.43 -2.74 19.61
N GLY A 61 -6.20 -3.25 20.55
CA GLY A 61 -6.66 -4.61 20.46
C GLY A 61 -5.51 -5.59 20.54
N ARG A 62 -5.75 -6.76 19.93
CA ARG A 62 -4.78 -7.86 19.96
C ARG A 62 -3.38 -7.40 19.58
N LEU A 63 -3.28 -6.49 18.60
CA LEU A 63 -1.97 -6.07 18.14
C LEU A 63 -1.24 -5.24 19.19
N ALA A 64 -1.98 -4.72 20.18
CA ALA A 64 -1.32 -3.92 21.21
C ALA A 64 -0.62 -4.81 22.23
N GLU A 65 -1.20 -5.97 22.53
CA GLU A 65 -0.51 -6.91 23.41
C GLU A 65 0.71 -7.49 22.72
N ILE A 66 0.63 -7.75 21.41
CA ILE A 66 1.75 -8.33 20.70
C ILE A 66 2.85 -7.30 20.49
N ALA A 67 2.49 -6.08 20.10
CA ALA A 67 3.50 -5.03 20.01
C ALA A 67 4.19 -4.82 21.35
N GLY A 68 3.42 -4.77 22.45
CA GLY A 68 4.03 -4.57 23.76
C GLY A 68 4.88 -5.74 24.22
N GLU A 69 4.54 -6.96 23.81
CA GLU A 69 5.33 -8.10 24.25
C GLU A 69 6.62 -8.24 23.46
N TYR A 70 6.59 -7.85 22.18
CA TYR A 70 7.61 -8.23 21.22
C TYR A 70 8.44 -7.06 20.70
N LEU A 71 7.89 -5.85 20.64
CA LEU A 71 8.69 -4.71 20.20
C LEU A 71 9.59 -4.23 21.33
N ARG A 72 10.85 -3.96 21.00
CA ARG A 72 11.80 -3.34 21.92
C ARG A 72 12.55 -2.27 21.17
N LYS A 73 13.19 -1.38 21.93
CA LYS A 73 14.02 -0.36 21.33
C LYS A 73 14.97 -0.97 20.30
N GLY A 74 15.01 -0.38 19.11
CA GLY A 74 15.82 -0.92 18.04
C GLY A 74 15.18 -2.07 17.26
N SER A 75 14.01 -2.57 17.67
CA SER A 75 13.33 -3.57 16.85
C SER A 75 13.02 -2.99 15.48
N GLN A 76 13.21 -3.81 14.44
CA GLN A 76 12.76 -3.49 13.10
C GLN A 76 11.37 -4.08 12.89
N VAL A 77 10.44 -3.27 12.44
CA VAL A 77 9.06 -3.71 12.42
C VAL A 77 8.38 -3.11 11.20
N TYR A 78 7.45 -3.87 10.65
CA TYR A 78 6.53 -3.45 9.62
C TYR A 78 5.20 -3.08 10.24
N VAL A 79 4.64 -1.95 9.81
CA VAL A 79 3.40 -1.47 10.38
C VAL A 79 2.48 -1.01 9.27
N GLU A 80 1.22 -1.46 9.32
CA GLU A 80 0.17 -0.99 8.43
C GLU A 80 -0.95 -0.46 9.30
N GLY A 81 -1.36 0.78 9.07
CA GLY A 81 -2.45 1.36 9.82
C GLY A 81 -3.13 2.50 9.12
N SER A 82 -3.69 3.43 9.89
CA SER A 82 -4.38 4.58 9.36
C SER A 82 -3.94 5.83 10.10
N LEU A 83 -4.06 6.97 9.42
CA LEU A 83 -3.67 8.25 9.99
C LEU A 83 -4.81 8.83 10.83
N ARG A 84 -4.50 9.21 12.06
CA ARG A 84 -5.45 9.93 12.89
C ARG A 84 -4.77 11.16 13.49
N THR A 85 -5.38 12.33 13.29
CA THR A 85 -4.88 13.58 13.82
C THR A 85 -5.75 13.99 15.01
N ARG A 86 -5.14 14.06 16.19
CA ARG A 86 -5.84 14.46 17.40
C ARG A 86 -5.56 15.92 17.68
N LYS A 87 -6.61 16.66 18.02
CA LYS A 87 -6.53 18.07 18.36
C LYS A 87 -6.57 18.22 19.88
N TRP A 88 -5.87 19.24 20.40
CA TRP A 88 -5.78 19.48 21.84
C TRP A 88 -5.33 20.91 22.09
N GLN A 89 -5.86 21.53 23.12
CA GLN A 89 -5.39 22.84 23.54
C GLN A 89 -4.16 22.68 24.43
N GLY A 90 -3.06 23.35 24.07
CA GLY A 90 -1.89 23.35 24.91
C GLY A 90 -2.08 24.25 26.13
N GLN A 91 -1.18 24.09 27.11
CA GLN A 91 -1.25 24.87 28.34
C GLN A 91 -1.09 26.37 28.12
N ASP A 92 -0.65 26.80 26.94
CA ASP A 92 -0.70 28.21 26.59
C ASP A 92 -2.08 28.63 26.13
N GLY A 93 -3.01 27.69 25.97
CA GLY A 93 -4.32 27.92 25.41
C GLY A 93 -4.45 27.56 23.95
N GLN A 94 -3.35 27.45 23.22
CA GLN A 94 -3.40 27.39 21.76
C GLN A 94 -3.72 26.00 21.24
N ASP A 95 -4.36 25.95 20.07
CA ASP A 95 -4.62 24.68 19.41
C ASP A 95 -3.30 24.00 19.04
N ARG A 96 -3.28 22.68 19.18
CA ARG A 96 -2.19 21.85 18.70
C ARG A 96 -2.79 20.59 18.10
N TYR A 97 -2.00 19.94 17.23
CA TYR A 97 -2.45 18.74 16.54
C TYR A 97 -1.33 17.69 16.57
N THR A 98 -1.72 16.43 16.77
CA THR A 98 -0.79 15.31 16.86
C THR A 98 -1.29 14.23 15.91
N THR A 99 -0.54 13.95 14.86
CA THR A 99 -0.95 12.96 13.86
C THR A 99 -0.29 11.64 14.22
N GLU A 100 -1.10 10.62 14.45
CA GLU A 100 -0.61 9.30 14.78
C GLU A 100 -1.02 8.29 13.71
N ILE A 101 -0.29 7.18 13.68
CA ILE A 101 -0.62 6.01 12.89
C ILE A 101 -1.31 5.02 13.82
N VAL A 102 -2.60 4.77 13.56
CA VAL A 102 -3.39 3.87 14.38
C VAL A 102 -3.33 2.47 13.75
N VAL A 103 -2.88 1.48 14.53
CA VAL A 103 -2.85 0.08 14.10
C VAL A 103 -3.88 -0.66 14.94
N ASP A 104 -4.97 -1.06 14.30
CA ASP A 104 -6.04 -1.75 14.99
C ASP A 104 -6.36 -3.01 14.17
N ILE A 105 -7.52 -3.58 14.43
CA ILE A 105 -7.98 -4.78 13.71
C ILE A 105 -7.94 -4.57 12.20
N ASN A 106 -8.07 -3.32 11.73
CA ASN A 106 -8.00 -3.05 10.30
C ASN A 106 -6.58 -2.91 9.79
N GLY A 107 -5.57 -2.96 10.68
CA GLY A 107 -4.20 -2.83 10.32
C GLY A 107 -3.41 -4.12 10.53
N ASN A 108 -2.08 -3.99 10.51
CA ASN A 108 -1.22 -5.16 10.54
C ASN A 108 0.12 -4.80 11.14
N MET A 109 0.77 -5.80 11.72
CA MET A 109 2.11 -5.63 12.29
C MET A 109 2.90 -6.91 12.12
N GLN A 110 4.16 -6.79 11.71
CA GLN A 110 5.04 -7.95 11.58
C GLN A 110 6.42 -7.61 12.16
N LEU A 111 6.88 -8.44 13.09
CA LEU A 111 8.23 -8.30 13.62
C LEU A 111 9.22 -8.83 12.59
N LEU A 112 10.22 -8.02 12.28
CA LEU A 112 11.15 -8.27 11.19
C LEU A 112 12.48 -8.78 11.72
N GLY A 113 13.30 -9.28 10.80
CA GLY A 113 14.58 -9.88 11.15
C GLY A 113 14.42 -11.25 11.77
N GLY B 4 14.36 3.04 5.71
CA GLY B 4 13.15 2.26 5.79
C GLY B 4 12.13 2.54 4.70
N VAL B 5 10.85 2.39 5.05
CA VAL B 5 9.73 2.56 4.12
C VAL B 5 8.72 3.50 4.77
N ASN B 6 8.23 4.45 4.00
CA ASN B 6 7.43 5.55 4.53
C ASN B 6 6.40 5.84 3.45
N LYS B 7 5.20 5.30 3.61
CA LYS B 7 4.29 5.23 2.48
C LYS B 7 2.86 5.49 2.94
N VAL B 8 2.19 6.41 2.27
CA VAL B 8 0.81 6.76 2.57
C VAL B 8 0.01 6.64 1.29
N ILE B 9 -1.15 6.02 1.40
CA ILE B 9 -2.09 5.91 0.29
C ILE B 9 -3.45 6.39 0.78
N LEU B 10 -3.95 7.44 0.14
CA LEU B 10 -5.27 8.01 0.46
C LEU B 10 -6.15 8.01 -0.78
N VAL B 11 -7.43 7.73 -0.57
CA VAL B 11 -8.49 8.10 -1.51
C VAL B 11 -9.51 8.91 -0.73
N GLY B 12 -9.71 10.15 -1.12
CA GLY B 12 -10.70 10.96 -0.46
C GLY B 12 -11.13 12.11 -1.34
N ASN B 13 -11.70 13.11 -0.68
CA ASN B 13 -12.32 14.24 -1.35
C ASN B 13 -11.57 15.53 -0.98
N VAL B 14 -11.28 16.32 -2.00
CA VAL B 14 -10.57 17.57 -1.79
C VAL B 14 -11.47 18.57 -1.08
N GLY B 15 -11.00 19.12 0.05
CA GLY B 15 -11.83 19.96 0.88
C GLY B 15 -11.91 21.41 0.45
N GLY B 16 -11.02 21.86 -0.43
CA GLY B 16 -11.04 23.24 -0.88
C GLY B 16 -10.20 23.40 -2.12
N ASP B 17 -10.20 24.61 -2.66
CA ASP B 17 -9.45 24.89 -3.87
C ASP B 17 -7.97 24.72 -3.62
N PRO B 18 -7.23 24.08 -4.52
CA PRO B 18 -5.78 23.93 -4.35
C PRO B 18 -5.07 25.28 -4.29
N GLU B 19 -4.09 25.39 -3.41
CA GLU B 19 -3.30 26.60 -3.28
C GLU B 19 -1.98 26.33 -3.97
N THR B 20 -1.78 26.95 -5.11
CA THR B 20 -0.57 26.78 -5.88
C THR B 20 0.27 28.04 -5.81
N ARG B 21 1.51 27.86 -5.40
CA ARG B 21 2.49 28.94 -5.38
C ARG B 21 3.69 28.44 -6.16
N TYR B 22 4.49 29.39 -6.63
CA TYR B 22 5.61 29.08 -7.48
C TYR B 22 6.89 29.51 -6.81
N MET B 23 7.82 28.73 -6.97
CA MET B 23 9.16 28.99 -6.52
C MET B 23 9.96 29.62 -7.64
N PRO B 24 10.66 30.72 -7.36
CA PRO B 24 11.47 31.39 -8.39
C PRO B 24 12.34 30.48 -9.22
N ASN B 25 12.71 29.32 -8.70
CA ASN B 25 13.25 28.28 -9.57
C ASN B 25 12.16 27.60 -10.38
N GLY B 26 10.99 28.24 -10.52
CA GLY B 26 9.93 27.83 -11.39
C GLY B 26 8.96 26.81 -10.81
N ASN B 27 9.41 25.98 -9.88
CA ASN B 27 8.65 24.78 -9.55
C ASN B 27 7.41 25.12 -8.73
N ALA B 28 6.26 24.70 -9.23
CA ALA B 28 5.01 24.83 -8.51
C ALA B 28 4.98 23.95 -7.27
N VAL B 29 4.39 24.46 -6.20
CA VAL B 29 3.99 23.66 -5.05
C VAL B 29 2.49 23.78 -4.87
N THR B 30 1.83 22.68 -4.55
CA THR B 30 0.37 22.69 -4.40
C THR B 30 -0.04 21.97 -3.12
N ASN B 31 -0.70 22.72 -2.23
CA ASN B 31 -1.30 22.25 -0.99
C ASN B 31 -2.80 22.03 -1.19
N ILE B 32 -3.33 20.99 -0.55
CA ILE B 32 -4.76 20.71 -0.49
C ILE B 32 -5.09 20.12 0.88
N THR B 33 -6.39 20.10 1.18
CA THR B 33 -6.91 19.21 2.21
C THR B 33 -7.71 18.11 1.54
N LEU B 34 -7.63 16.92 2.12
CA LEU B 34 -8.26 15.72 1.58
C LEU B 34 -9.02 15.06 2.73
N ALA B 35 -10.27 14.71 2.49
CA ALA B 35 -11.16 14.13 3.50
C ALA B 35 -11.33 12.65 3.24
N THR B 36 -11.03 11.84 4.24
CA THR B 36 -11.36 10.42 4.26
C THR B 36 -12.32 10.17 5.42
N SER B 37 -13.23 9.22 5.24
CA SER B 37 -14.21 8.94 6.29
C SER B 37 -14.44 7.44 6.37
N GLU B 38 -14.66 6.96 7.60
CA GLU B 38 -14.95 5.57 7.88
C GLU B 38 -16.30 5.48 8.58
N SER B 39 -17.06 4.43 8.25
CA SER B 39 -18.38 4.22 8.84
C SER B 39 -18.47 2.90 9.57
N GLN B 49 -23.17 5.69 12.21
CA GLN B 49 -22.19 6.69 12.63
C GLN B 49 -21.02 6.78 11.65
N GLU B 50 -20.45 7.98 11.54
CA GLU B 50 -19.39 8.27 10.58
C GLU B 50 -18.44 9.30 11.17
N ARG B 51 -17.13 9.13 10.89
CA ARG B 51 -16.10 10.06 11.33
C ARG B 51 -15.15 10.37 10.17
N THR B 52 -14.92 11.66 9.93
CA THR B 52 -14.07 12.14 8.87
C THR B 52 -12.67 12.42 9.39
N GLU B 53 -11.69 12.19 8.54
CA GLU B 53 -10.29 12.48 8.82
C GLU B 53 -9.76 13.46 7.77
N TRP B 54 -9.09 14.51 8.24
CA TRP B 54 -8.56 15.54 7.35
C TRP B 54 -7.06 15.39 7.27
N HIS B 55 -6.54 15.43 6.05
CA HIS B 55 -5.14 15.21 5.74
C HIS B 55 -4.59 16.43 5.01
N ARG B 56 -3.40 16.87 5.43
CA ARG B 56 -2.69 17.94 4.72
C ARG B 56 -1.76 17.27 3.72
N VAL B 57 -2.04 17.49 2.43
CA VAL B 57 -1.31 16.88 1.33
C VAL B 57 -0.62 17.99 0.56
N VAL B 58 0.67 17.81 0.29
CA VAL B 58 1.47 18.81 -0.42
C VAL B 58 2.08 18.18 -1.65
N PHE B 59 1.72 18.70 -2.82
CA PHE B 59 2.24 18.23 -4.10
C PHE B 59 3.47 19.05 -4.49
N PHE B 60 4.48 18.36 -5.02
CA PHE B 60 5.69 18.97 -5.54
C PHE B 60 5.91 18.53 -6.97
N GLY B 61 6.56 19.38 -7.75
CA GLY B 61 6.93 19.02 -9.11
C GLY B 61 5.78 19.14 -10.08
N ARG B 62 5.80 18.26 -11.08
CA ARG B 62 4.75 18.30 -12.10
C ARG B 62 3.41 17.87 -11.55
N LEU B 63 3.38 16.93 -10.60
CA LEU B 63 2.11 16.57 -9.98
C LEU B 63 1.45 17.78 -9.33
N ALA B 64 2.25 18.77 -8.92
CA ALA B 64 1.69 19.98 -8.34
C ALA B 64 0.97 20.80 -9.40
N GLU B 65 1.53 20.86 -10.61
CA GLU B 65 0.85 21.47 -11.74
C GLU B 65 -0.44 20.74 -12.06
N ILE B 66 -0.38 19.40 -12.16
CA ILE B 66 -1.58 18.62 -12.48
C ILE B 66 -2.62 18.79 -11.38
N ALA B 67 -2.20 18.64 -10.11
CA ALA B 67 -3.09 18.88 -8.99
C ALA B 67 -3.67 20.28 -9.03
N GLY B 68 -2.80 21.29 -9.15
CA GLY B 68 -3.24 22.66 -8.97
C GLY B 68 -4.07 23.17 -10.14
N GLU B 69 -4.45 22.25 -11.03
CA GLU B 69 -5.18 22.53 -12.26
C GLU B 69 -6.37 21.65 -12.55
N TYR B 70 -6.27 20.41 -12.20
CA TYR B 70 -7.39 19.49 -12.33
C TYR B 70 -8.24 19.37 -11.08
N LEU B 71 -7.70 19.67 -9.90
CA LEU B 71 -8.43 19.41 -8.67
C LEU B 71 -9.31 20.61 -8.31
N ARG B 72 -10.49 20.32 -7.75
CA ARG B 72 -11.41 21.32 -7.23
C ARG B 72 -12.02 20.79 -5.93
N LYS B 73 -12.77 21.67 -5.26
CA LYS B 73 -13.57 21.26 -4.11
C LYS B 73 -14.48 20.08 -4.47
N GLY B 74 -14.46 19.05 -3.64
CA GLY B 74 -15.27 17.89 -3.93
C GLY B 74 -14.67 16.91 -4.91
N SER B 75 -13.53 17.24 -5.52
CA SER B 75 -12.83 16.27 -6.35
C SER B 75 -12.56 15.01 -5.53
N GLN B 76 -12.73 13.86 -6.18
CA GLN B 76 -12.30 12.59 -5.64
C GLN B 76 -10.96 12.25 -6.27
N VAL B 77 -9.94 12.04 -5.45
CA VAL B 77 -8.58 11.88 -5.94
C VAL B 77 -7.90 10.76 -5.17
N TYR B 78 -7.01 10.04 -5.86
CA TYR B 78 -6.13 9.07 -5.24
C TYR B 78 -4.76 9.68 -5.08
N VAL B 79 -4.13 9.41 -3.95
CA VAL B 79 -2.87 10.05 -3.60
C VAL B 79 -1.94 9.02 -2.97
N GLU B 80 -0.67 9.10 -3.32
CA GLU B 80 0.35 8.20 -2.82
C GLU B 80 1.56 9.05 -2.50
N GLY B 81 2.02 9.00 -1.25
CA GLY B 81 3.10 9.86 -0.86
C GLY B 81 3.83 9.37 0.36
N SER B 82 4.53 10.30 1.02
CA SER B 82 5.34 10.02 2.20
C SER B 82 4.92 10.95 3.33
N LEU B 83 5.00 10.44 4.56
CA LEU B 83 4.73 11.25 5.76
C LEU B 83 5.92 12.12 6.10
N ARG B 84 5.67 13.41 6.31
CA ARG B 84 6.72 14.32 6.71
C ARG B 84 6.18 15.33 7.71
N THR B 85 6.72 15.30 8.92
CA THR B 85 6.38 16.23 9.99
C THR B 85 7.36 17.38 9.97
N ARG B 86 6.88 18.59 9.74
CA ARG B 86 7.75 19.75 9.67
C ARG B 86 7.45 20.72 10.80
N LYS B 87 8.51 21.31 11.36
CA LYS B 87 8.40 22.33 12.39
C LYS B 87 8.26 23.70 11.73
N TRP B 88 7.45 24.57 12.33
CA TRP B 88 7.31 25.93 11.84
C TRP B 88 7.02 26.87 13.00
N GLN B 89 6.92 28.16 12.68
CA GLN B 89 6.64 29.24 13.62
C GLN B 89 5.40 28.97 14.47
N ASP B 95 6.55 27.06 18.68
CA ASP B 95 6.66 25.93 17.77
C ASP B 95 5.31 25.27 17.49
N ARG B 96 5.02 25.03 16.22
CA ARG B 96 3.93 24.17 15.84
C ARG B 96 4.45 23.13 14.84
N TYR B 97 3.94 21.91 14.96
CA TYR B 97 4.31 20.82 14.10
C TYR B 97 3.11 20.45 13.25
N THR B 98 3.39 20.12 11.98
CA THR B 98 2.37 19.70 11.03
C THR B 98 2.91 18.48 10.30
N THR B 99 2.15 17.38 10.37
CA THR B 99 2.47 16.16 9.62
C THR B 99 1.76 16.26 8.28
N GLU B 100 2.52 16.47 7.21
CA GLU B 100 1.94 16.54 5.88
C GLU B 100 2.25 15.27 5.10
N ILE B 101 1.37 14.96 4.15
CA ILE B 101 1.58 13.89 3.19
C ILE B 101 2.21 14.54 1.96
N VAL B 102 3.49 14.23 1.73
CA VAL B 102 4.28 14.83 0.65
C VAL B 102 4.19 13.93 -0.58
N VAL B 103 3.81 14.51 -1.72
CA VAL B 103 3.59 13.78 -2.96
C VAL B 103 4.51 14.39 -4.00
N ASP B 104 5.59 13.68 -4.35
CA ASP B 104 6.56 14.19 -5.30
C ASP B 104 6.80 13.15 -6.39
N ILE B 105 7.91 13.28 -7.12
CA ILE B 105 8.23 12.33 -8.19
C ILE B 105 8.22 10.89 -7.66
N ASN B 106 8.61 10.69 -6.40
CA ASN B 106 8.55 9.36 -5.79
C ASN B 106 7.13 8.95 -5.43
N GLY B 107 6.16 9.86 -5.46
CA GLY B 107 4.79 9.55 -5.16
C GLY B 107 3.93 9.40 -6.40
N ASN B 108 2.62 9.52 -6.21
CA ASN B 108 1.70 9.33 -7.32
C ASN B 108 0.38 10.00 -6.96
N MET B 109 -0.41 10.32 -7.99
CA MET B 109 -1.74 10.89 -7.84
C MET B 109 -2.59 10.40 -9.01
N GLN B 110 -3.89 10.21 -8.77
CA GLN B 110 -4.79 9.84 -9.87
C GLN B 110 -6.15 10.48 -9.64
N LEU B 111 -6.60 11.25 -10.62
CA LEU B 111 -7.95 11.82 -10.62
C LEU B 111 -9.00 10.73 -10.76
N LEU B 112 -10.02 10.81 -9.92
CA LEU B 112 -11.15 9.89 -10.04
C LEU B 112 -12.43 10.67 -10.40
N GLY C 4 4.18 -13.58 6.62
CA GLY C 4 4.62 -12.38 5.93
C GLY C 4 3.56 -11.35 5.60
N VAL C 5 3.83 -10.55 4.57
CA VAL C 5 2.96 -9.46 4.14
C VAL C 5 2.68 -9.65 2.65
N ASN C 6 1.40 -9.59 2.28
CA ASN C 6 0.89 -9.98 0.95
C ASN C 6 -0.25 -9.02 0.59
N LYS C 7 0.08 -7.91 -0.05
CA LYS C 7 -0.87 -6.82 -0.20
C LYS C 7 -0.84 -6.30 -1.63
N VAL C 8 -2.02 -6.14 -2.21
CA VAL C 8 -2.18 -5.59 -3.54
C VAL C 8 -3.20 -4.47 -3.47
N ILE C 9 -2.86 -3.33 -4.05
CA ILE C 9 -3.81 -2.24 -4.19
C ILE C 9 -3.96 -1.92 -5.67
N LEU C 10 -5.21 -1.86 -6.13
CA LEU C 10 -5.48 -1.57 -7.53
C LEU C 10 -6.48 -0.44 -7.66
N VAL C 11 -6.26 0.42 -8.65
CA VAL C 11 -7.29 1.31 -9.18
C VAL C 11 -7.39 1.07 -10.68
N GLY C 12 -8.58 0.74 -11.15
CA GLY C 12 -8.80 0.56 -12.56
C GLY C 12 -10.27 0.40 -12.86
N ASN C 13 -10.55 -0.08 -14.07
CA ASN C 13 -11.90 -0.15 -14.62
C ASN C 13 -12.33 -1.59 -14.78
N VAL C 14 -13.61 -1.86 -14.49
CA VAL C 14 -14.11 -3.24 -14.53
C VAL C 14 -14.26 -3.69 -15.97
N GLY C 15 -13.72 -4.87 -16.29
CA GLY C 15 -13.59 -5.27 -17.68
C GLY C 15 -14.92 -5.70 -18.29
N GLY C 16 -15.63 -6.58 -17.61
CA GLY C 16 -16.96 -6.96 -18.03
C GLY C 16 -17.96 -6.72 -16.91
N ASP C 17 -18.95 -7.51 -16.85
CA ASP C 17 -19.86 -7.33 -15.74
C ASP C 17 -19.59 -8.39 -14.67
N PRO C 18 -19.80 -8.06 -13.40
CA PRO C 18 -19.47 -9.00 -12.32
C PRO C 18 -20.25 -10.31 -12.46
N GLU C 19 -19.53 -11.42 -12.28
CA GLU C 19 -20.13 -12.75 -12.31
C GLU C 19 -20.27 -13.22 -10.86
N THR C 20 -21.51 -13.28 -10.39
CA THR C 20 -21.83 -13.50 -8.99
C THR C 20 -22.41 -14.89 -8.80
N ARG C 21 -21.63 -15.74 -8.16
CA ARG C 21 -22.02 -17.08 -7.82
C ARG C 21 -22.06 -17.21 -6.31
N TYR C 22 -22.43 -18.37 -5.85
CA TYR C 22 -22.44 -18.72 -4.44
C TYR C 22 -21.74 -20.05 -4.19
N MET C 23 -21.31 -20.24 -2.96
CA MET C 23 -20.57 -21.43 -2.55
C MET C 23 -21.49 -22.41 -1.86
N PRO C 24 -21.00 -23.61 -1.54
CA PRO C 24 -21.79 -24.52 -0.68
C PRO C 24 -22.20 -23.90 0.64
N ASN C 25 -21.39 -22.99 1.19
CA ASN C 25 -21.80 -22.25 2.39
C ASN C 25 -23.04 -21.42 2.15
N GLY C 26 -23.37 -21.13 0.90
CA GLY C 26 -24.16 -19.97 0.56
C GLY C 26 -23.35 -18.70 0.48
N ASN C 27 -22.05 -18.77 0.73
CA ASN C 27 -21.18 -17.60 0.65
C ASN C 27 -21.22 -17.00 -0.75
N ALA C 28 -21.22 -15.68 -0.81
CA ALA C 28 -21.25 -14.96 -2.07
C ALA C 28 -19.83 -14.72 -2.56
N VAL C 29 -19.63 -14.94 -3.86
CA VAL C 29 -18.35 -14.72 -4.54
C VAL C 29 -18.63 -13.94 -5.81
N THR C 30 -17.73 -13.03 -6.15
CA THR C 30 -17.93 -12.13 -7.28
C THR C 30 -16.60 -11.95 -8.01
N ASN C 31 -16.51 -12.52 -9.21
CA ASN C 31 -15.33 -12.38 -10.04
C ASN C 31 -15.47 -11.18 -10.96
N ILE C 32 -14.34 -10.52 -11.19
CA ILE C 32 -14.23 -9.46 -12.18
C ILE C 32 -12.84 -9.56 -12.77
N THR C 33 -12.68 -8.96 -13.93
CA THR C 33 -11.37 -8.56 -14.41
C THR C 33 -11.29 -7.04 -14.31
N LEU C 34 -10.08 -6.56 -14.11
CA LEU C 34 -9.85 -5.18 -13.73
C LEU C 34 -8.61 -4.73 -14.47
N ALA C 35 -8.74 -3.66 -15.25
CA ALA C 35 -7.67 -3.21 -16.12
C ALA C 35 -6.99 -1.98 -15.53
N THR C 36 -5.67 -2.03 -15.46
CA THR C 36 -4.83 -0.90 -15.10
C THR C 36 -3.86 -0.62 -16.24
N SER C 37 -3.62 0.66 -16.51
CA SER C 37 -2.79 1.10 -17.63
C SER C 37 -1.49 1.73 -17.14
N GLU C 38 -0.43 1.54 -17.91
CA GLU C 38 0.90 2.05 -17.59
C GLU C 38 1.45 2.84 -18.77
N SER C 39 2.29 3.82 -18.47
CA SER C 39 2.91 4.67 -19.48
C SER C 39 4.43 4.45 -19.53
N GLU C 50 -1.48 3.40 -22.47
CA GLU C 50 -0.96 2.49 -23.48
C GLU C 50 -1.11 1.04 -23.03
N ARG C 51 -0.07 0.50 -22.39
CA ARG C 51 -0.05 -0.91 -22.04
C ARG C 51 -1.05 -1.19 -20.93
N THR C 52 -1.89 -2.19 -21.14
CA THR C 52 -2.95 -2.51 -20.20
C THR C 52 -2.66 -3.85 -19.54
N GLU C 53 -2.58 -3.85 -18.22
CA GLU C 53 -2.54 -5.07 -17.44
C GLU C 53 -3.94 -5.44 -17.00
N TRP C 54 -4.30 -6.71 -17.18
CA TRP C 54 -5.60 -7.23 -16.78
C TRP C 54 -5.42 -8.06 -15.52
N HIS C 55 -6.23 -7.77 -14.51
CA HIS C 55 -6.16 -8.45 -13.23
C HIS C 55 -7.41 -9.30 -13.03
N ARG C 56 -7.24 -10.55 -12.61
CA ARG C 56 -8.37 -11.36 -12.16
C ARG C 56 -8.60 -11.16 -10.65
N VAL C 57 -9.75 -10.59 -10.30
CA VAL C 57 -10.06 -10.21 -8.94
C VAL C 57 -11.29 -10.97 -8.45
N VAL C 58 -11.22 -11.46 -7.22
CA VAL C 58 -12.28 -12.27 -6.65
C VAL C 58 -12.65 -11.69 -5.29
N PHE C 59 -13.93 -11.39 -5.09
CA PHE C 59 -14.44 -10.88 -3.84
C PHE C 59 -15.14 -11.98 -3.08
N PHE C 60 -15.12 -11.89 -1.76
CA PHE C 60 -15.81 -12.84 -0.88
C PHE C 60 -16.58 -12.09 0.19
N GLY C 61 -17.52 -12.80 0.80
CA GLY C 61 -18.23 -12.24 1.92
C GLY C 61 -18.98 -10.98 1.54
N ARG C 62 -19.06 -10.06 2.50
CA ARG C 62 -19.85 -8.85 2.32
C ARG C 62 -19.41 -8.08 1.08
N LEU C 63 -18.11 -8.05 0.78
CA LEU C 63 -17.64 -7.29 -0.37
C LEU C 63 -18.03 -7.92 -1.71
N ALA C 64 -18.25 -9.24 -1.75
CA ALA C 64 -18.70 -9.84 -3.01
C ALA C 64 -20.14 -9.44 -3.32
N GLU C 65 -21.01 -9.44 -2.32
CA GLU C 65 -22.38 -8.99 -2.51
C GLU C 65 -22.41 -7.56 -3.04
N ILE C 66 -21.54 -6.70 -2.51
CA ILE C 66 -21.57 -5.30 -2.93
C ILE C 66 -21.01 -5.15 -4.34
N ALA C 67 -19.92 -5.86 -4.65
CA ALA C 67 -19.32 -5.80 -5.97
C ALA C 67 -20.32 -6.18 -7.07
N GLY C 68 -21.11 -7.24 -6.84
CA GLY C 68 -22.16 -7.57 -7.80
C GLY C 68 -23.25 -6.52 -7.85
N GLU C 69 -23.59 -5.95 -6.68
CA GLU C 69 -24.67 -4.96 -6.62
C GLU C 69 -24.31 -3.68 -7.38
N TYR C 70 -23.08 -3.19 -7.22
CA TYR C 70 -22.75 -1.82 -7.64
C TYR C 70 -21.71 -1.73 -8.75
N LEU C 71 -21.03 -2.81 -9.14
CA LEU C 71 -20.09 -2.76 -10.25
C LEU C 71 -20.79 -3.12 -11.55
N ARG C 72 -20.47 -2.37 -12.61
CA ARG C 72 -20.88 -2.67 -13.97
C ARG C 72 -19.65 -2.56 -14.87
N LYS C 73 -19.78 -3.04 -16.10
CA LYS C 73 -18.68 -2.90 -17.05
C LYS C 73 -18.33 -1.43 -17.21
N GLY C 74 -17.05 -1.12 -17.04
CA GLY C 74 -16.57 0.23 -17.17
C GLY C 74 -16.41 0.99 -15.87
N SER C 75 -16.96 0.50 -14.76
CA SER C 75 -16.94 1.32 -13.54
C SER C 75 -15.54 1.30 -12.94
N GLN C 76 -15.15 2.44 -12.38
CA GLN C 76 -13.82 2.65 -11.82
C GLN C 76 -13.78 2.23 -10.36
N VAL C 77 -12.81 1.37 -10.00
CA VAL C 77 -12.79 0.75 -8.67
C VAL C 77 -11.40 0.85 -8.04
N TYR C 78 -11.41 0.95 -6.70
CA TYR C 78 -10.26 0.70 -5.86
C TYR C 78 -10.46 -0.65 -5.17
N VAL C 79 -9.43 -1.49 -5.19
CA VAL C 79 -9.52 -2.77 -4.51
C VAL C 79 -8.21 -3.01 -3.78
N GLU C 80 -8.31 -3.69 -2.65
CA GLU C 80 -7.17 -4.03 -1.83
C GLU C 80 -7.35 -5.47 -1.40
N GLY C 81 -6.34 -6.28 -1.64
CA GLY C 81 -6.43 -7.68 -1.27
C GLY C 81 -5.09 -8.38 -1.20
N SER C 82 -5.14 -9.69 -1.45
CA SER C 82 -3.94 -10.51 -1.37
C SER C 82 -3.82 -11.37 -2.63
N LEU C 83 -2.57 -11.67 -2.98
CA LEU C 83 -2.29 -12.56 -4.10
C LEU C 83 -2.53 -14.00 -3.70
N ARG C 84 -3.34 -14.70 -4.49
CA ARG C 84 -3.53 -16.14 -4.29
C ARG C 84 -3.34 -16.83 -5.64
N THR C 85 -2.34 -17.72 -5.71
CA THR C 85 -2.09 -18.54 -6.90
C THR C 85 -2.81 -19.86 -6.71
N ARG C 86 -3.92 -20.03 -7.41
CA ARG C 86 -4.72 -21.25 -7.34
C ARG C 86 -4.26 -22.26 -8.38
N LYS C 87 -4.32 -23.53 -8.03
CA LYS C 87 -3.97 -24.60 -8.96
C LYS C 87 -5.24 -25.24 -9.52
N TRP C 88 -5.14 -25.74 -10.75
CA TRP C 88 -6.15 -26.58 -11.37
C TRP C 88 -5.49 -27.34 -12.51
N GLN C 89 -6.19 -28.33 -13.03
CA GLN C 89 -5.59 -29.17 -14.07
C GLN C 89 -6.20 -28.98 -15.45
N GLY C 90 -7.51 -28.74 -15.53
CA GLY C 90 -8.16 -28.52 -16.80
C GLY C 90 -9.59 -28.03 -16.68
N ASP C 95 -2.58 -29.51 -15.41
CA ASP C 95 -1.75 -28.84 -14.41
C ASP C 95 -1.56 -27.37 -14.80
N ARG C 96 -2.14 -26.45 -14.03
CA ARG C 96 -2.08 -25.03 -14.36
C ARG C 96 -1.91 -24.22 -13.08
N TYR C 97 -2.07 -22.90 -13.23
CA TYR C 97 -1.87 -21.94 -12.16
C TYR C 97 -2.53 -20.63 -12.55
N THR C 98 -3.35 -20.06 -11.66
CA THR C 98 -3.97 -18.75 -11.89
C THR C 98 -3.77 -17.90 -10.66
N THR C 99 -3.14 -16.73 -10.84
CA THR C 99 -2.87 -15.80 -9.74
C THR C 99 -4.03 -14.81 -9.63
N GLU C 100 -4.62 -14.75 -8.45
CA GLU C 100 -5.79 -13.91 -8.20
C GLU C 100 -5.57 -12.93 -7.05
N ILE C 101 -6.15 -11.76 -7.19
CA ILE C 101 -6.20 -10.76 -6.12
C ILE C 101 -7.47 -11.07 -5.33
N VAL C 102 -7.30 -11.68 -4.17
CA VAL C 102 -8.43 -12.06 -3.33
C VAL C 102 -8.78 -10.88 -2.44
N VAL C 103 -10.05 -10.50 -2.43
CA VAL C 103 -10.51 -9.33 -1.69
C VAL C 103 -11.62 -9.81 -0.76
N ASP C 104 -11.23 -10.18 0.46
CA ASP C 104 -12.17 -10.65 1.46
C ASP C 104 -12.14 -9.72 2.67
N ILE C 105 -12.51 -10.23 3.84
CA ILE C 105 -12.60 -9.41 5.04
C ILE C 105 -11.27 -8.77 5.41
N ASN C 106 -10.15 -9.30 4.90
CA ASN C 106 -8.86 -8.69 5.14
C ASN C 106 -8.57 -7.54 4.18
N GLY C 107 -9.37 -7.36 3.13
CA GLY C 107 -9.14 -6.37 2.11
C GLY C 107 -10.19 -5.25 2.14
N ASN C 108 -10.29 -4.57 1.00
CA ASN C 108 -11.15 -3.39 0.90
C ASN C 108 -11.50 -3.14 -0.57
N MET C 109 -12.59 -2.44 -0.78
CA MET C 109 -13.03 -2.08 -2.09
C MET C 109 -13.80 -0.82 -2.00
N GLN C 110 -13.63 0.04 -2.97
CA GLN C 110 -14.37 1.24 -2.94
C GLN C 110 -14.82 1.67 -4.29
N LEU C 111 -16.10 1.94 -4.43
CA LEU C 111 -16.64 2.40 -5.69
C LEU C 111 -16.22 3.78 -5.94
N LEU C 112 -15.52 4.00 -7.02
CA LEU C 112 -15.07 5.33 -7.40
C LEU C 112 -16.04 5.93 -8.40
N GLY C 113 -15.73 7.14 -8.86
CA GLY C 113 -16.59 7.85 -9.77
C GLY C 113 -17.90 8.27 -9.12
N ARG D 3 -3.27 5.66 -16.02
CA ARG D 3 -4.69 5.79 -15.82
C ARG D 3 -5.14 5.03 -14.57
N GLY D 4 -4.37 4.02 -14.18
CA GLY D 4 -4.70 3.30 -12.97
C GLY D 4 -3.57 3.12 -11.96
N VAL D 5 -3.80 2.28 -10.96
CA VAL D 5 -2.83 2.01 -9.92
C VAL D 5 -2.66 0.51 -9.82
N ASN D 6 -1.40 0.06 -9.77
CA ASN D 6 -1.01 -1.36 -9.86
C ASN D 6 0.14 -1.55 -8.89
N LYS D 7 -0.16 -1.90 -7.65
CA LYS D 7 0.87 -1.90 -6.63
C LYS D 7 0.80 -3.17 -5.81
N VAL D 8 1.97 -3.77 -5.57
CA VAL D 8 2.05 -4.96 -4.72
C VAL D 8 3.13 -4.71 -3.68
N ILE D 9 2.82 -5.03 -2.43
CA ILE D 9 3.80 -4.91 -1.36
C ILE D 9 3.94 -6.28 -0.72
N LEU D 10 5.16 -6.77 -0.59
CA LEU D 10 5.39 -8.08 0.00
C LEU D 10 6.50 -8.00 1.03
N VAL D 11 6.38 -8.85 2.06
CA VAL D 11 7.43 -9.12 3.02
C VAL D 11 7.49 -10.64 3.16
N GLY D 12 8.59 -11.25 2.75
CA GLY D 12 8.75 -12.67 2.94
C GLY D 12 10.18 -13.13 2.77
N ASN D 13 10.32 -14.43 2.47
CA ASN D 13 11.60 -15.12 2.43
C ASN D 13 11.89 -15.63 1.02
N VAL D 14 13.08 -15.29 0.51
CA VAL D 14 13.48 -15.74 -0.81
C VAL D 14 13.66 -17.25 -0.81
N GLY D 15 13.01 -17.92 -1.77
CA GLY D 15 12.97 -19.37 -1.75
C GLY D 15 14.21 -20.03 -2.30
N GLY D 16 14.88 -19.37 -3.27
CA GLY D 16 16.08 -19.91 -3.85
C GLY D 16 17.19 -18.85 -3.85
N ASP D 17 18.31 -19.22 -4.44
CA ASP D 17 19.36 -18.23 -4.61
C ASP D 17 19.05 -17.40 -5.85
N PRO D 18 19.16 -16.07 -5.77
CA PRO D 18 18.78 -15.24 -6.91
C PRO D 18 19.56 -15.58 -8.16
N GLU D 19 18.83 -15.85 -9.24
CA GLU D 19 19.43 -16.01 -10.56
C GLU D 19 19.53 -14.64 -11.21
N THR D 20 20.75 -14.18 -11.43
CA THR D 20 21.00 -12.91 -12.08
C THR D 20 21.36 -13.15 -13.55
N ARG D 21 20.83 -12.30 -14.42
CA ARG D 21 21.06 -12.38 -15.85
C ARG D 21 21.39 -10.99 -16.38
N TYR D 22 21.80 -10.92 -17.64
CA TYR D 22 22.29 -9.67 -18.21
C TYR D 22 21.90 -9.56 -19.68
N MET D 23 21.23 -8.47 -20.02
CA MET D 23 20.76 -8.25 -21.39
C MET D 23 21.90 -7.76 -22.28
N PRO D 24 21.72 -7.79 -23.60
CA PRO D 24 22.75 -7.24 -24.50
C PRO D 24 23.12 -5.81 -24.17
N ASN D 25 22.23 -5.07 -23.51
CA ASN D 25 22.52 -3.76 -22.95
C ASN D 25 23.25 -3.85 -21.62
N GLY D 26 23.58 -5.06 -21.16
CA GLY D 26 24.24 -5.26 -19.89
C GLY D 26 23.37 -5.09 -18.66
N ASN D 27 22.19 -4.49 -18.79
CA ASN D 27 21.40 -4.18 -17.62
C ASN D 27 20.96 -5.45 -16.90
N ALA D 28 20.89 -5.35 -15.58
CA ALA D 28 20.72 -6.52 -14.74
C ALA D 28 19.25 -6.93 -14.68
N VAL D 29 19.02 -8.25 -14.68
CA VAL D 29 17.70 -8.83 -14.47
C VAL D 29 17.91 -10.01 -13.52
N THR D 30 17.35 -9.93 -12.33
CA THR D 30 17.51 -10.99 -11.36
C THR D 30 16.15 -11.49 -10.93
N ASN D 31 16.03 -12.79 -10.80
CA ASN D 31 14.77 -13.45 -10.50
C ASN D 31 14.89 -14.11 -9.14
N ILE D 32 13.77 -14.14 -8.41
CA ILE D 32 13.65 -14.88 -7.16
C ILE D 32 12.24 -15.40 -7.04
N THR D 33 12.06 -16.33 -6.11
CA THR D 33 10.78 -16.59 -5.50
C THR D 33 10.75 -15.94 -4.13
N LEU D 34 9.56 -15.81 -3.57
CA LEU D 34 9.41 -15.18 -2.27
C LEU D 34 8.19 -15.79 -1.61
N ALA D 35 8.37 -16.28 -0.39
CA ALA D 35 7.31 -16.95 0.36
C ALA D 35 6.70 -15.96 1.34
N THR D 36 5.38 -15.80 1.27
CA THR D 36 4.61 -15.14 2.30
C THR D 36 3.69 -16.18 2.91
N SER D 37 3.44 -16.07 4.21
CA SER D 37 2.60 -17.06 4.87
C SER D 37 1.95 -16.45 6.11
N GLU D 38 0.84 -17.03 6.51
CA GLU D 38 0.13 -16.63 7.72
C GLU D 38 0.57 -17.47 8.92
N GLU D 50 -2.62 -22.21 8.73
CA GLU D 50 -1.41 -21.84 8.00
C GLU D 50 -1.63 -21.95 6.49
N ARG D 51 -0.89 -21.13 5.73
CA ARG D 51 -0.88 -21.22 4.27
C ARG D 51 0.29 -20.42 3.69
N THR D 52 1.09 -21.04 2.84
CA THR D 52 2.26 -20.40 2.25
C THR D 52 1.97 -20.06 0.79
N GLU D 53 2.01 -18.77 0.46
CA GLU D 53 1.82 -18.29 -0.91
C GLU D 53 3.20 -18.01 -1.52
N TRP D 54 3.47 -18.61 -2.67
CA TRP D 54 4.72 -18.43 -3.38
C TRP D 54 4.58 -17.38 -4.48
N HIS D 55 5.53 -16.46 -4.56
CA HIS D 55 5.47 -15.34 -5.49
C HIS D 55 6.70 -15.33 -6.39
N ARG D 56 6.48 -15.02 -7.66
CA ARG D 56 7.54 -14.84 -8.63
C ARG D 56 7.85 -13.35 -8.71
N VAL D 57 9.02 -12.94 -8.21
CA VAL D 57 9.45 -11.55 -8.24
C VAL D 57 10.65 -11.44 -9.18
N VAL D 58 10.61 -10.45 -10.07
CA VAL D 58 11.74 -10.17 -10.95
C VAL D 58 12.19 -8.72 -10.76
N PHE D 59 13.50 -8.53 -10.62
CA PHE D 59 14.09 -7.20 -10.43
C PHE D 59 14.73 -6.69 -11.71
N PHE D 60 14.72 -5.36 -11.89
CA PHE D 60 15.37 -4.71 -13.03
C PHE D 60 16.14 -3.48 -12.59
N GLY D 61 17.06 -3.05 -13.45
CA GLY D 61 17.77 -1.81 -13.22
C GLY D 61 18.69 -1.89 -12.02
N ARG D 62 18.86 -0.76 -11.34
CA ARG D 62 19.72 -0.70 -10.16
C ARG D 62 19.34 -1.76 -9.13
N LEU D 63 18.04 -1.98 -8.92
CA LEU D 63 17.62 -2.90 -7.86
C LEU D 63 17.85 -4.35 -8.21
N ALA D 64 18.06 -4.65 -9.49
CA ALA D 64 18.44 -6.00 -9.87
C ALA D 64 19.85 -6.30 -9.39
N GLU D 65 20.78 -5.37 -9.63
CA GLU D 65 22.15 -5.53 -9.13
C GLU D 65 22.18 -5.83 -7.63
N ILE D 66 21.36 -5.14 -6.84
CA ILE D 66 21.44 -5.29 -5.39
C ILE D 66 20.85 -6.62 -4.95
N ALA D 67 19.75 -7.03 -5.57
CA ALA D 67 19.13 -8.31 -5.24
C ALA D 67 20.10 -9.48 -5.45
N GLY D 68 21.05 -9.35 -6.38
CA GLY D 68 21.98 -10.44 -6.64
C GLY D 68 23.02 -10.63 -5.55
N GLU D 69 23.62 -9.52 -5.07
CA GLU D 69 24.72 -9.64 -4.14
C GLU D 69 24.26 -9.97 -2.73
N TYR D 70 23.11 -9.41 -2.32
CA TYR D 70 22.75 -9.36 -0.90
C TYR D 70 21.54 -10.20 -0.54
N LEU D 71 20.96 -10.94 -1.48
CA LEU D 71 19.88 -11.89 -1.18
C LEU D 71 20.38 -13.32 -1.30
N ARG D 72 19.98 -14.16 -0.36
CA ARG D 72 20.39 -15.56 -0.32
C ARG D 72 19.19 -16.42 -0.01
N LYS D 73 19.34 -17.74 -0.17
CA LYS D 73 18.28 -18.67 0.16
C LYS D 73 17.83 -18.49 1.60
N GLY D 74 16.55 -18.14 1.79
CA GLY D 74 15.99 -17.99 3.11
C GLY D 74 16.09 -16.60 3.71
N SER D 75 16.33 -15.57 2.90
CA SER D 75 16.47 -14.20 3.38
C SER D 75 15.13 -13.47 3.34
N GLN D 76 14.89 -12.63 4.35
CA GLN D 76 13.71 -11.80 4.45
C GLN D 76 13.91 -10.50 3.68
N VAL D 77 12.87 -10.06 2.98
CA VAL D 77 12.99 -8.87 2.14
C VAL D 77 11.65 -8.18 2.03
N TYR D 78 11.68 -6.85 1.93
CA TYR D 78 10.52 -6.06 1.55
C TYR D 78 10.63 -5.76 0.07
N VAL D 79 9.56 -6.01 -0.68
CA VAL D 79 9.54 -5.67 -2.09
C VAL D 79 8.27 -4.89 -2.38
N GLU D 80 8.40 -3.88 -3.23
CA GLU D 80 7.28 -3.09 -3.70
C GLU D 80 7.38 -3.06 -5.21
N GLY D 81 6.32 -3.52 -5.89
CA GLY D 81 6.33 -3.52 -7.33
C GLY D 81 4.93 -3.51 -7.89
N SER D 82 4.81 -3.94 -9.14
CA SER D 82 3.53 -4.02 -9.83
C SER D 82 3.36 -5.40 -10.44
N LEU D 83 2.10 -5.81 -10.59
CA LEU D 83 1.80 -7.11 -11.15
C LEU D 83 1.93 -7.08 -12.67
N ARG D 84 2.49 -8.16 -13.22
CA ARG D 84 2.52 -8.31 -14.67
C ARG D 84 2.31 -9.78 -15.01
N THR D 85 1.29 -10.05 -15.83
CA THR D 85 1.04 -11.39 -16.34
C THR D 85 1.56 -11.49 -17.76
N ARG D 86 2.39 -12.49 -18.03
CA ARG D 86 2.92 -12.75 -19.36
C ARG D 86 2.26 -13.99 -19.93
N LYS D 87 1.89 -13.91 -21.22
CA LYS D 87 1.33 -15.03 -21.96
C LYS D 87 2.43 -15.79 -22.69
N TRP D 88 2.32 -17.12 -22.71
CA TRP D 88 3.27 -17.94 -23.45
C TRP D 88 2.61 -19.25 -23.87
N GLN D 89 2.97 -19.73 -25.05
CA GLN D 89 2.50 -21.02 -25.54
C GLN D 89 3.42 -22.11 -25.03
N GLY D 90 2.87 -23.04 -24.24
CA GLY D 90 3.65 -24.17 -23.78
C GLY D 90 3.93 -25.10 -24.93
N GLN D 91 4.75 -26.11 -24.65
CA GLN D 91 5.09 -27.01 -25.78
C GLN D 91 3.89 -27.86 -26.26
N ASP D 92 2.67 -27.52 -25.85
CA ASP D 92 1.45 -28.06 -26.43
C ASP D 92 0.86 -27.16 -27.50
N GLY D 93 1.41 -25.96 -27.69
CA GLY D 93 0.69 -24.89 -28.36
C GLY D 93 -0.38 -24.25 -27.52
N GLN D 94 -0.59 -24.74 -26.30
CA GLN D 94 -1.69 -24.29 -25.45
C GLN D 94 -1.26 -23.12 -24.60
N ASP D 95 -2.15 -22.13 -24.50
CA ASP D 95 -1.85 -20.90 -23.79
C ASP D 95 -1.66 -21.13 -22.30
N ARG D 96 -0.66 -20.48 -21.72
CA ARG D 96 -0.42 -20.48 -20.30
C ARG D 96 -0.04 -19.07 -19.88
N TYR D 97 -0.17 -18.79 -18.58
CA TYR D 97 0.03 -17.46 -18.06
C TYR D 97 0.93 -17.53 -16.83
N THR D 98 1.70 -16.46 -16.62
CA THR D 98 2.61 -16.38 -15.49
C THR D 98 2.53 -14.96 -14.95
N THR D 99 2.06 -14.83 -13.73
CA THR D 99 1.92 -13.52 -13.09
C THR D 99 3.11 -13.30 -12.17
N GLU D 100 3.86 -12.24 -12.42
CA GLU D 100 5.03 -11.89 -11.63
C GLU D 100 4.86 -10.53 -11.01
N ILE D 101 5.72 -10.26 -10.03
CA ILE D 101 5.86 -8.97 -9.40
C ILE D 101 7.12 -8.33 -9.99
N VAL D 102 6.94 -7.28 -10.80
CA VAL D 102 8.05 -6.54 -11.39
C VAL D 102 8.50 -5.46 -10.42
N VAL D 103 9.79 -5.42 -10.12
CA VAL D 103 10.35 -4.44 -9.21
C VAL D 103 11.44 -3.71 -9.99
N ASP D 104 11.10 -2.53 -10.51
CA ASP D 104 12.06 -1.76 -11.28
C ASP D 104 12.36 -0.43 -10.60
N ILE D 105 12.75 0.56 -11.40
CA ILE D 105 13.03 1.89 -10.88
C ILE D 105 11.80 2.50 -10.24
N ASN D 106 10.60 2.06 -10.63
CA ASN D 106 9.35 2.53 -10.06
C ASN D 106 8.95 1.78 -8.79
N GLY D 107 9.66 0.72 -8.44
CA GLY D 107 9.38 -0.07 -7.27
C GLY D 107 10.33 0.23 -6.14
N ASN D 108 10.47 -0.74 -5.23
CA ASN D 108 11.34 -0.56 -4.07
C ASN D 108 11.66 -1.94 -3.50
N MET D 109 12.81 -2.03 -2.86
CA MET D 109 13.23 -3.24 -2.17
C MET D 109 14.02 -2.86 -0.93
N GLN D 110 13.92 -3.69 0.11
CA GLN D 110 14.65 -3.47 1.35
C GLN D 110 15.09 -4.81 1.92
N LEU D 111 16.40 -4.97 2.09
CA LEU D 111 16.92 -6.08 2.86
C LEU D 111 16.64 -5.87 4.34
N LEU D 112 16.27 -6.94 5.03
CA LEU D 112 15.81 -6.85 6.41
C LEU D 112 16.76 -7.64 7.31
N GLY D 113 16.76 -7.28 8.60
CA GLY D 113 17.70 -7.84 9.53
C GLY D 113 18.83 -6.89 9.88
C1 QUE E . -8.23 -8.56 10.43
C2 QUE E . -9.58 -8.25 10.52
C3 QUE E . -10.13 -7.20 9.78
C4 QUE E . -9.30 -6.48 8.92
C5 QUE E . -7.93 -6.76 8.80
C6 QUE E . -7.43 -7.80 9.56
C9 QUE E . -11.53 -6.90 9.91
C10 QUE E . -11.97 -5.82 8.99
C11 QUE E . -11.09 -5.18 8.17
C14 QUE E . -11.46 -4.07 7.27
C15 QUE E . -10.69 -2.90 7.36
C16 QUE E . -10.98 -1.82 6.55
C17 QUE E . -12.03 -1.91 5.65
C18 QUE E . -12.80 -3.10 5.55
C19 QUE E . -12.51 -4.19 6.37
O12 QUE E . -9.75 -5.44 8.16
O13 QUE E . -12.29 -7.47 10.66
O23 QUE E . -13.84 -3.19 4.67
O24 QUE E . -12.32 -0.85 4.85
O27 QUE E . -13.26 -5.39 9.01
O29 QUE E . -6.11 -8.11 9.47
O30 QUE E . -10.38 -8.97 11.36
#